data_2XEV
#
_entry.id   2XEV
#
_cell.length_a   86.360
_cell.length_b   37.120
_cell.length_c   90.610
_cell.angle_alpha   90.00
_cell.angle_beta   117.14
_cell.angle_gamma   90.00
#
_symmetry.space_group_name_H-M   'P 1 21 1'
#
loop_
_entity.id
_entity.type
_entity.pdbx_description
1 polymer YBGF
2 non-polymer 'ZINC ION'
3 non-polymer 'CHLORIDE ION'
4 water water
#
_entity_poly.entity_id   1
_entity_poly.type   'polypeptide(L)'
_entity_poly.pdbx_seq_one_letter_code
;MARTAYNVAFDALKNGKYDDASQLFLSFLELYPNGVYTPNALYWLGESYYATRNFQLAEAQFRDLVSRYPTHDKAAGGLL
KLGLSQYGEGKNTEAQQTLQQVATQYPGSDAARVAQERLQSIRLGQQLR
;
_entity_poly.pdbx_strand_id   A,B,C
#
loop_
_chem_comp.id
_chem_comp.type
_chem_comp.name
_chem_comp.formula
CL non-polymer 'CHLORIDE ION' 'Cl -1'
ZN non-polymer 'ZINC ION' 'Zn 2'
#
# COMPACT_ATOMS: atom_id res chain seq x y z
N ARG A 3 -7.01 5.14 12.57
CA ARG A 3 -6.77 5.83 11.27
C ARG A 3 -5.79 5.06 10.38
N THR A 4 -6.23 4.67 9.17
CA THR A 4 -5.41 3.83 8.24
C THR A 4 -5.45 4.39 6.79
N ALA A 5 -4.92 3.65 5.82
CA ALA A 5 -4.78 4.14 4.43
C ALA A 5 -6.11 4.52 3.80
N TYR A 6 -7.16 3.76 4.12
CA TYR A 6 -8.49 4.13 3.66
C TYR A 6 -8.87 5.54 4.09
N ASN A 7 -8.59 5.90 5.35
CA ASN A 7 -8.98 7.21 5.88
C ASN A 7 -8.21 8.35 5.25
N VAL A 8 -6.95 8.08 4.92
CA VAL A 8 -6.10 9.09 4.29
C VAL A 8 -6.65 9.41 2.89
N ALA A 9 -7.05 8.36 2.18
CA ALA A 9 -7.64 8.52 0.86
C ALA A 9 -8.99 9.24 0.93
N PHE A 10 -9.82 8.81 1.87
CA PHE A 10 -11.17 9.37 2.01
C PHE A 10 -11.11 10.86 2.34
N ASP A 11 -10.14 11.22 3.17
CA ASP A 11 -9.99 12.63 3.57
C ASP A 11 -9.60 13.53 2.39
N ALA A 12 -8.73 13.05 1.52
CA ALA A 12 -8.44 13.79 0.30
C ALA A 12 -9.73 14.02 -0.51
N LEU A 13 -10.54 12.98 -0.63
CA LEU A 13 -11.80 13.09 -1.37
C LEU A 13 -12.75 14.10 -0.72
N LYS A 14 -12.89 13.99 0.61
CA LYS A 14 -13.73 14.92 1.40
C LYS A 14 -13.37 16.37 1.15
N ASN A 15 -12.07 16.61 0.96
CA ASN A 15 -11.55 17.96 0.78
C ASN A 15 -11.53 18.40 -0.68
N GLY A 16 -12.09 17.56 -1.56
CA GLY A 16 -12.21 17.91 -2.96
C GLY A 16 -10.90 17.85 -3.74
N LYS A 17 -9.91 17.16 -3.19
CA LYS A 17 -8.63 17.00 -3.86
C LYS A 17 -8.66 15.71 -4.64
N TYR A 18 -9.35 15.76 -5.78
CA TYR A 18 -9.71 14.55 -6.52
C TYR A 18 -8.51 13.84 -7.12
N ASP A 19 -7.53 14.60 -7.60
CA ASP A 19 -6.31 13.98 -8.14
C ASP A 19 -5.60 13.19 -7.05
N ASP A 20 -5.42 13.80 -5.87
CA ASP A 20 -4.77 13.13 -4.74
C ASP A 20 -5.62 11.91 -4.35
N ALA A 21 -6.94 12.11 -4.30
CA ALA A 21 -7.81 11.03 -3.85
C ALA A 21 -7.74 9.84 -4.79
N SER A 22 -7.66 10.10 -6.09
CA SER A 22 -7.54 9.00 -7.05
CA SER A 22 -7.53 9.02 -7.08
C SER A 22 -6.23 8.24 -6.86
N GLN A 23 -5.12 8.95 -6.65
CA GLN A 23 -3.82 8.29 -6.40
C GLN A 23 -3.88 7.43 -5.14
N LEU A 24 -4.49 7.97 -4.09
CA LEU A 24 -4.54 7.28 -2.81
C LEU A 24 -5.49 6.07 -2.80
N PHE A 25 -6.65 6.18 -3.44
CA PHE A 25 -7.55 5.03 -3.58
C PHE A 25 -6.97 3.99 -4.54
N LEU A 26 -6.32 4.43 -5.62
CA LEU A 26 -5.62 3.47 -6.50
C LEU A 26 -4.57 2.70 -5.72
N SER A 27 -3.75 3.42 -4.94
CA SER A 27 -2.79 2.78 -4.06
C SER A 27 -3.41 1.83 -3.03
N PHE A 28 -4.53 2.23 -2.43
CA PHE A 28 -5.24 1.38 -1.50
C PHE A 28 -5.61 0.06 -2.16
N LEU A 29 -6.10 0.14 -3.39
CA LEU A 29 -6.57 -1.06 -4.10
C LEU A 29 -5.44 -1.99 -4.52
N GLU A 30 -4.23 -1.46 -4.67
CA GLU A 30 -3.07 -2.30 -4.92
C GLU A 30 -2.82 -3.17 -3.70
N LEU A 31 -2.96 -2.58 -2.51
CA LEU A 31 -2.72 -3.32 -1.28
C LEU A 31 -3.87 -4.24 -0.89
N TYR A 32 -5.09 -3.80 -1.17
CA TYR A 32 -6.30 -4.54 -0.79
C TYR A 32 -7.15 -4.88 -2.01
N PRO A 33 -6.74 -5.92 -2.75
CA PRO A 33 -7.57 -6.37 -3.88
C PRO A 33 -8.90 -6.99 -3.41
N ASN A 34 -8.93 -7.49 -2.18
CA ASN A 34 -10.14 -8.13 -1.64
C ASN A 34 -10.25 -8.00 -0.12
N GLY A 35 -10.17 -6.77 0.37
CA GLY A 35 -10.29 -6.46 1.78
C GLY A 35 -11.66 -5.94 2.12
N VAL A 36 -11.87 -5.66 3.40
CA VAL A 36 -13.17 -5.21 3.89
C VAL A 36 -13.63 -3.94 3.19
N TYR A 37 -12.68 -3.03 2.97
CA TYR A 37 -13.02 -1.72 2.38
C TYR A 37 -12.74 -1.61 0.89
N THR A 38 -12.43 -2.73 0.27
CA THR A 38 -12.28 -2.77 -1.19
C THR A 38 -13.50 -2.25 -1.98
N PRO A 39 -14.73 -2.71 -1.66
CA PRO A 39 -15.88 -2.18 -2.41
C PRO A 39 -16.00 -0.66 -2.25
N ASN A 40 -15.84 -0.16 -1.03
CA ASN A 40 -15.88 1.28 -0.76
C ASN A 40 -14.85 2.03 -1.58
N ALA A 41 -13.62 1.50 -1.59
CA ALA A 41 -12.53 2.14 -2.34
C ALA A 41 -12.79 2.14 -3.85
N LEU A 42 -13.33 1.05 -4.40
CA LEU A 42 -13.69 1.05 -5.82
C LEU A 42 -14.72 2.15 -6.09
N TYR A 43 -15.72 2.24 -5.20
CA TYR A 43 -16.77 3.25 -5.36
C TYR A 43 -16.21 4.66 -5.30
N TRP A 44 -15.40 4.96 -4.28
CA TRP A 44 -14.87 6.30 -4.15
C TRP A 44 -13.83 6.63 -5.21
N LEU A 45 -13.11 5.62 -5.69
CA LEU A 45 -12.13 5.88 -6.77
C LEU A 45 -12.92 6.25 -8.01
N GLY A 46 -13.97 5.48 -8.27
CA GLY A 46 -14.93 5.79 -9.33
C GLY A 46 -15.45 7.21 -9.22
N GLU A 47 -15.88 7.60 -8.02
CA GLU A 47 -16.41 8.95 -7.84
C GLU A 47 -15.36 10.03 -8.08
N SER A 48 -14.13 9.78 -7.62
N SER A 48 -14.12 9.75 -7.66
CA SER A 48 -13.03 10.73 -7.84
CA SER A 48 -12.99 10.69 -7.83
C SER A 48 -12.86 10.96 -9.34
C SER A 48 -12.62 10.91 -9.29
N TYR A 49 -12.79 9.86 -10.11
CA TYR A 49 -12.66 9.97 -11.55
C TYR A 49 -13.89 10.64 -12.18
N TYR A 50 -15.08 10.26 -11.75
CA TYR A 50 -16.29 10.88 -12.28
C TYR A 50 -16.31 12.40 -12.07
N ALA A 51 -15.85 12.83 -10.89
CA ALA A 51 -15.76 14.26 -10.52
C ALA A 51 -14.90 15.09 -11.48
N THR A 52 -13.91 14.45 -12.10
CA THR A 52 -13.00 15.14 -13.01
C THR A 52 -13.27 14.78 -14.46
N ARG A 53 -14.45 14.20 -14.70
CA ARG A 53 -14.90 13.80 -16.06
C ARG A 53 -13.97 12.80 -16.73
N ASN A 54 -13.28 12.01 -15.91
CA ASN A 54 -12.49 10.88 -16.42
C ASN A 54 -13.39 9.65 -16.48
N PHE A 55 -14.27 9.63 -17.48
CA PHE A 55 -15.32 8.61 -17.55
C PHE A 55 -14.84 7.20 -17.85
N GLN A 56 -13.76 7.07 -18.63
CA GLN A 56 -13.20 5.75 -18.91
C GLN A 56 -12.60 5.16 -17.67
N LEU A 57 -11.91 6.00 -16.90
CA LEU A 57 -11.30 5.53 -15.67
C LEU A 57 -12.40 5.18 -14.67
N ALA A 58 -13.42 6.04 -14.59
CA ALA A 58 -14.56 5.76 -13.68
C ALA A 58 -15.28 4.48 -14.02
N GLU A 59 -15.57 4.29 -15.30
CA GLU A 59 -16.24 3.08 -15.78
C GLU A 59 -15.57 1.80 -15.26
N ALA A 60 -14.24 1.71 -15.34
CA ALA A 60 -13.57 0.50 -14.89
C ALA A 60 -13.81 0.19 -13.42
N GLN A 61 -13.85 1.23 -12.58
CA GLN A 61 -13.99 1.03 -11.16
C GLN A 61 -15.42 0.63 -10.82
N PHE A 62 -16.40 1.35 -11.38
CA PHE A 62 -17.80 1.05 -11.05
C PHE A 62 -18.21 -0.32 -11.57
N ARG A 63 -17.72 -0.68 -12.76
CA ARG A 63 -18.04 -2.00 -13.34
C ARG A 63 -17.52 -3.12 -12.44
N ASP A 64 -16.27 -2.97 -11.98
N ASP A 64 -16.29 -3.00 -11.96
CA ASP A 64 -15.62 -3.96 -11.12
CA ASP A 64 -15.70 -4.05 -11.15
C ASP A 64 -16.40 -4.11 -9.81
C ASP A 64 -16.31 -4.12 -9.74
N LEU A 65 -16.76 -2.98 -9.21
CA LEU A 65 -17.52 -2.95 -7.97
C LEU A 65 -18.80 -3.77 -8.10
N VAL A 66 -19.57 -3.50 -9.15
CA VAL A 66 -20.88 -4.14 -9.28
C VAL A 66 -20.71 -5.63 -9.59
N SER A 67 -19.72 -5.95 -10.43
N SER A 67 -19.70 -5.94 -10.40
CA SER A 67 -19.43 -7.33 -10.81
CA SER A 67 -19.41 -7.31 -10.85
C SER A 67 -19.12 -8.17 -9.59
C SER A 67 -18.99 -8.22 -9.70
N ARG A 68 -18.17 -7.69 -8.79
CA ARG A 68 -17.61 -8.49 -7.70
C ARG A 68 -18.37 -8.38 -6.38
N TYR A 69 -19.04 -7.25 -6.17
CA TYR A 69 -19.77 -7.01 -4.93
C TYR A 69 -21.24 -6.61 -5.17
N PRO A 70 -22.01 -7.44 -5.92
CA PRO A 70 -23.37 -7.02 -6.30
C PRO A 70 -24.35 -6.79 -5.14
N THR A 71 -24.08 -7.38 -3.98
CA THR A 71 -24.96 -7.17 -2.82
C THR A 71 -24.43 -6.15 -1.80
N HIS A 72 -23.32 -5.50 -2.14
CA HIS A 72 -22.75 -4.51 -1.22
C HIS A 72 -23.63 -3.26 -1.22
N ASP A 73 -23.61 -2.53 -0.09
CA ASP A 73 -24.33 -1.28 0.08
C ASP A 73 -24.09 -0.30 -1.08
N LYS A 74 -22.87 -0.30 -1.60
CA LYS A 74 -22.49 0.64 -2.66
C LYS A 74 -22.84 0.18 -4.07
N ALA A 75 -23.34 -1.05 -4.23
CA ALA A 75 -23.49 -1.62 -5.58
C ALA A 75 -24.55 -0.91 -6.44
N ALA A 76 -25.71 -0.60 -5.85
CA ALA A 76 -26.77 0.09 -6.60
C ALA A 76 -26.29 1.44 -7.12
N GLY A 77 -25.72 2.25 -6.23
CA GLY A 77 -25.13 3.53 -6.63
C GLY A 77 -24.01 3.35 -7.63
N GLY A 78 -23.24 2.28 -7.45
CA GLY A 78 -22.17 1.95 -8.40
C GLY A 78 -22.68 1.68 -9.81
N LEU A 79 -23.79 0.97 -9.92
CA LEU A 79 -24.35 0.66 -11.23
C LEU A 79 -24.94 1.93 -11.89
N LEU A 80 -25.59 2.76 -11.08
CA LEU A 80 -26.05 4.08 -11.50
C LEU A 80 -24.87 4.86 -12.09
N LYS A 81 -23.78 4.95 -11.34
CA LYS A 81 -22.63 5.75 -11.78
C LYS A 81 -21.89 5.12 -12.96
N LEU A 82 -21.93 3.79 -13.06
CA LEU A 82 -21.47 3.12 -14.27
C LEU A 82 -22.23 3.65 -15.50
N GLY A 83 -23.56 3.67 -15.41
CA GLY A 83 -24.37 4.15 -16.53
C GLY A 83 -24.11 5.61 -16.85
N LEU A 84 -24.00 6.43 -15.81
CA LEU A 84 -23.69 7.85 -15.99
C LEU A 84 -22.31 8.05 -16.62
N SER A 85 -21.34 7.21 -16.23
CA SER A 85 -20.01 7.25 -16.84
C SER A 85 -20.04 6.87 -18.33
N GLN A 86 -20.87 5.89 -18.68
CA GLN A 86 -21.02 5.46 -20.06
C GLN A 86 -21.66 6.58 -20.89
N TYR A 87 -22.65 7.25 -20.31
CA TYR A 87 -23.23 8.43 -20.95
C TYR A 87 -22.14 9.49 -21.19
N GLY A 88 -21.27 9.68 -20.21
CA GLY A 88 -20.14 10.61 -20.32
C GLY A 88 -19.19 10.24 -21.44
N GLU A 89 -19.03 8.95 -21.70
CA GLU A 89 -18.20 8.45 -22.80
C GLU A 89 -18.86 8.65 -24.16
N GLY A 90 -20.12 9.05 -24.16
CA GLY A 90 -20.87 9.20 -25.39
C GLY A 90 -21.43 7.87 -25.89
N LYS A 91 -21.57 6.91 -24.98
CA LYS A 91 -22.09 5.59 -25.34
C LYS A 91 -23.54 5.48 -24.86
N ASN A 92 -24.43 6.14 -25.59
CA ASN A 92 -25.83 6.34 -25.17
C ASN A 92 -26.64 5.06 -25.04
N THR A 93 -26.49 4.16 -26.02
CA THR A 93 -27.14 2.85 -26.01
C THR A 93 -26.78 2.09 -24.73
N GLU A 94 -25.47 1.87 -24.54
CA GLU A 94 -24.96 1.16 -23.36
C GLU A 94 -25.33 1.83 -22.02
N ALA A 95 -25.27 3.16 -21.96
CA ALA A 95 -25.73 3.92 -20.79
C ALA A 95 -27.21 3.69 -20.44
N GLN A 96 -28.09 3.75 -21.44
CA GLN A 96 -29.52 3.51 -21.21
C GLN A 96 -29.76 2.08 -20.69
N GLN A 97 -29.07 1.11 -21.29
CA GLN A 97 -29.13 -0.28 -20.84
C GLN A 97 -28.74 -0.41 -19.37
N THR A 98 -27.63 0.23 -19.00
CA THR A 98 -27.14 0.19 -17.61
C THR A 98 -28.09 0.86 -16.63
N LEU A 99 -28.64 2.02 -17.00
CA LEU A 99 -29.56 2.71 -16.10
C LEU A 99 -30.85 1.94 -15.88
N GLN A 100 -31.30 1.28 -16.94
CA GLN A 100 -32.42 0.34 -16.89
C GLN A 100 -32.13 -0.81 -15.93
N GLN A 101 -30.90 -1.31 -16.00
CA GLN A 101 -30.46 -2.38 -15.11
C GLN A 101 -30.56 -2.04 -13.62
N VAL A 102 -30.42 -0.76 -13.26
CA VAL A 102 -30.47 -0.36 -11.85
C VAL A 102 -31.87 -0.64 -11.27
N ALA A 103 -32.90 -0.26 -12.02
CA ALA A 103 -34.30 -0.50 -11.60
C ALA A 103 -34.63 -1.98 -11.49
N THR A 104 -34.09 -2.76 -12.43
CA THR A 104 -34.30 -4.20 -12.49
C THR A 104 -33.61 -4.94 -11.35
N GLN A 105 -32.34 -4.62 -11.11
CA GLN A 105 -31.53 -5.37 -10.16
C GLN A 105 -31.57 -4.79 -8.75
N TYR A 106 -31.87 -3.50 -8.65
CA TYR A 106 -31.95 -2.83 -7.36
C TYR A 106 -33.27 -2.07 -7.22
N PRO A 107 -34.41 -2.79 -7.36
CA PRO A 107 -35.70 -2.12 -7.26
C PRO A 107 -35.90 -1.50 -5.88
N GLY A 108 -36.45 -0.27 -5.86
CA GLY A 108 -36.71 0.43 -4.59
C GLY A 108 -35.54 1.20 -3.97
N SER A 109 -34.32 0.97 -4.47
CA SER A 109 -33.15 1.70 -4.00
C SER A 109 -33.21 3.16 -4.42
N ASP A 110 -32.55 4.02 -3.64
CA ASP A 110 -32.35 5.42 -4.01
C ASP A 110 -31.72 5.52 -5.41
N ALA A 111 -30.76 4.64 -5.69
CA ALA A 111 -30.07 4.65 -6.97
C ALA A 111 -31.00 4.40 -8.14
N ALA A 112 -31.93 3.47 -7.95
CA ALA A 112 -32.91 3.12 -8.99
C ALA A 112 -33.78 4.33 -9.34
N ARG A 113 -34.18 5.07 -8.31
CA ARG A 113 -34.98 6.28 -8.49
C ARG A 113 -34.20 7.28 -9.34
N VAL A 114 -32.95 7.53 -8.96
CA VAL A 114 -32.12 8.50 -9.67
C VAL A 114 -31.90 8.03 -11.10
N ALA A 115 -31.66 6.73 -11.27
CA ALA A 115 -31.43 6.17 -12.60
C ALA A 115 -32.62 6.42 -13.53
N GLN A 116 -33.82 6.27 -12.97
CA GLN A 116 -35.05 6.53 -13.74
C GLN A 116 -35.18 8.01 -14.10
N GLU A 117 -34.84 8.90 -13.18
CA GLU A 117 -34.84 10.34 -13.47
C GLU A 117 -33.87 10.67 -14.60
N ARG A 118 -32.65 10.13 -14.51
CA ARG A 118 -31.64 10.42 -15.51
C ARG A 118 -31.99 9.79 -16.85
N LEU A 119 -32.56 8.59 -16.80
CA LEU A 119 -32.99 7.89 -18.00
C LEU A 119 -34.04 8.68 -18.76
N GLN A 120 -35.04 9.22 -18.03
CA GLN A 120 -36.06 10.04 -18.68
C GLN A 120 -35.48 11.31 -19.30
N SER A 121 -34.46 11.90 -18.66
CA SER A 121 -33.75 13.08 -19.19
C SER A 121 -32.95 12.74 -20.46
N ILE A 122 -32.27 11.60 -20.45
CA ILE A 122 -31.63 11.09 -21.66
C ILE A 122 -32.69 10.80 -22.73
N ARG A 123 -33.84 10.30 -22.25
CA ARG A 123 -35.03 9.99 -23.04
CA ARG A 123 -35.03 9.99 -23.03
C ARG A 123 -35.00 8.59 -23.65
N ALA B 2 12.08 -2.02 18.85
CA ALA B 2 10.90 -1.78 17.98
C ALA B 2 10.26 -3.11 17.59
N ARG B 3 9.10 -3.03 16.92
CA ARG B 3 8.48 -4.19 16.35
C ARG B 3 9.32 -4.72 15.17
N THR B 4 9.23 -6.02 14.96
CA THR B 4 9.94 -6.66 13.86
C THR B 4 9.48 -6.07 12.52
N ALA B 5 8.19 -5.78 12.42
CA ALA B 5 7.64 -5.20 11.19
C ALA B 5 8.26 -3.82 10.90
N TYR B 6 8.50 -3.05 11.94
CA TYR B 6 9.16 -1.76 11.75
C TYR B 6 10.61 -1.95 11.29
N ASN B 7 11.32 -2.85 11.96
CA ASN B 7 12.74 -3.04 11.66
C ASN B 7 13.01 -3.50 10.24
N VAL B 8 12.21 -4.44 9.73
CA VAL B 8 12.46 -4.92 8.37
C VAL B 8 12.11 -3.86 7.33
N ALA B 9 11.13 -3.03 7.63
CA ALA B 9 10.80 -1.89 6.78
C ALA B 9 11.98 -0.92 6.73
N PHE B 10 12.51 -0.57 7.91
CA PHE B 10 13.62 0.34 7.96
C PHE B 10 14.86 -0.24 7.27
N ASP B 11 15.12 -1.54 7.44
CA ASP B 11 16.23 -2.18 6.77
C ASP B 11 16.15 -1.98 5.25
N ALA B 12 14.94 -2.07 4.68
CA ALA B 12 14.81 -1.91 3.24
C ALA B 12 15.18 -0.49 2.81
N LEU B 13 14.70 0.48 3.60
CA LEU B 13 14.95 1.89 3.32
C LEU B 13 16.46 2.15 3.37
N LYS B 14 17.14 1.62 4.37
CA LYS B 14 18.57 1.88 4.53
C LYS B 14 19.42 1.26 3.42
N ASN B 15 18.89 0.20 2.81
CA ASN B 15 19.52 -0.46 1.66
C ASN B 15 19.10 0.12 0.31
N GLY B 16 18.39 1.24 0.37
CA GLY B 16 17.97 1.94 -0.83
C GLY B 16 16.86 1.28 -1.63
N LYS B 17 16.15 0.33 -1.00
CA LYS B 17 15.06 -0.36 -1.70
C LYS B 17 13.78 0.39 -1.42
N TYR B 18 13.63 1.57 -2.02
CA TYR B 18 12.52 2.46 -1.68
C TYR B 18 11.14 1.92 -1.99
N ASP B 19 11.04 1.20 -3.11
CA ASP B 19 9.79 0.56 -3.47
C ASP B 19 9.38 -0.49 -2.44
N ASP B 20 10.28 -1.38 -2.07
CA ASP B 20 9.97 -2.38 -1.03
CA ASP B 20 9.94 -2.36 -1.04
C ASP B 20 9.67 -1.67 0.30
N ALA B 21 10.49 -0.67 0.63
CA ALA B 21 10.30 0.07 1.87
C ALA B 21 8.91 0.67 1.95
N SER B 22 8.44 1.27 0.85
N SER B 22 8.41 1.24 0.85
CA SER B 22 7.08 1.81 0.82
CA SER B 22 7.07 1.83 0.85
C SER B 22 6.08 0.73 1.26
C SER B 22 5.99 0.78 1.14
N GLN B 23 6.16 -0.44 0.64
CA GLN B 23 5.20 -1.51 0.94
C GLN B 23 5.29 -1.95 2.36
N LEU B 24 6.51 -2.04 2.86
CA LEU B 24 6.72 -2.51 4.23
C LEU B 24 6.25 -1.50 5.28
N PHE B 25 6.51 -0.21 5.04
CA PHE B 25 5.98 0.83 5.94
C PHE B 25 4.46 1.01 5.85
N LEU B 26 3.91 0.92 4.63
CA LEU B 26 2.45 0.97 4.45
C LEU B 26 1.79 -0.16 5.23
N SER B 27 2.30 -1.38 5.09
N SER B 27 2.31 -1.38 5.07
CA SER B 27 1.74 -2.51 5.84
CA SER B 27 1.85 -2.55 5.82
C SER B 27 1.91 -2.32 7.34
C SER B 27 1.90 -2.28 7.31
N PHE B 28 3.06 -1.81 7.77
CA PHE B 28 3.27 -1.51 9.19
C PHE B 28 2.16 -0.59 9.72
N LEU B 29 1.82 0.45 8.96
CA LEU B 29 0.84 1.43 9.40
C LEU B 29 -0.58 0.89 9.43
N GLU B 30 -0.86 -0.09 8.57
CA GLU B 30 -2.16 -0.74 8.56
C GLU B 30 -2.28 -1.64 9.78
N LEU B 31 -1.16 -2.27 10.16
CA LEU B 31 -1.20 -3.23 11.26
C LEU B 31 -1.09 -2.56 12.61
N TYR B 32 -0.41 -1.43 12.66
CA TYR B 32 -0.09 -0.72 13.91
C TYR B 32 -0.39 0.78 13.76
N PRO B 33 -1.68 1.15 13.67
CA PRO B 33 -2.06 2.54 13.37
C PRO B 33 -1.97 3.52 14.53
N ASN B 34 -1.77 3.02 15.74
CA ASN B 34 -1.85 3.86 16.93
C ASN B 34 -0.76 3.48 17.91
N GLY B 35 0.41 3.13 17.39
CA GLY B 35 1.53 2.72 18.22
C GLY B 35 2.55 3.83 18.37
N VAL B 36 3.55 3.59 19.19
CA VAL B 36 4.58 4.60 19.39
C VAL B 36 5.42 4.80 18.12
N TYR B 37 5.46 3.81 17.24
CA TYR B 37 6.27 3.94 16.03
C TYR B 37 5.51 4.47 14.82
N THR B 38 4.22 4.77 15.00
N THR B 38 4.23 4.78 15.00
CA THR B 38 3.40 5.29 13.88
CA THR B 38 3.43 5.30 13.90
C THR B 38 3.87 6.65 13.31
C THR B 38 4.03 6.58 13.32
N PRO B 39 4.35 7.58 14.17
CA PRO B 39 4.92 8.82 13.57
C PRO B 39 6.17 8.52 12.75
N ASN B 40 7.06 7.69 13.28
N ASN B 40 7.08 7.70 13.27
CA ASN B 40 8.27 7.30 12.55
CA ASN B 40 8.27 7.30 12.52
C ASN B 40 7.93 6.64 11.20
C ASN B 40 7.92 6.65 11.18
N ALA B 41 6.96 5.73 11.22
CA ALA B 41 6.56 5.01 10.01
C ALA B 41 5.91 5.92 8.99
N LEU B 42 5.13 6.91 9.45
CA LEU B 42 4.54 7.86 8.49
C LEU B 42 5.68 8.63 7.82
N TYR B 43 6.65 9.05 8.62
CA TYR B 43 7.78 9.77 8.11
C TYR B 43 8.54 8.96 7.08
N TRP B 44 8.90 7.72 7.42
CA TRP B 44 9.69 6.92 6.47
C TRP B 44 8.89 6.49 5.26
N LEU B 45 7.58 6.29 5.42
CA LEU B 45 6.74 5.99 4.25
C LEU B 45 6.76 7.18 3.32
N GLY B 46 6.59 8.38 3.87
CA GLY B 46 6.65 9.62 3.08
C GLY B 46 7.99 9.69 2.34
N GLU B 47 9.08 9.40 3.05
CA GLU B 47 10.41 9.48 2.44
C GLU B 47 10.55 8.45 1.31
N SER B 48 10.01 7.25 1.55
CA SER B 48 10.09 6.19 0.56
C SER B 48 9.34 6.60 -0.72
N TYR B 49 8.15 7.17 -0.56
CA TYR B 49 7.38 7.65 -1.72
C TYR B 49 8.07 8.83 -2.41
N TYR B 50 8.65 9.74 -1.63
CA TYR B 50 9.39 10.88 -2.20
C TYR B 50 10.56 10.36 -3.06
N ALA B 51 11.25 9.34 -2.57
CA ALA B 51 12.38 8.74 -3.28
C ALA B 51 11.99 8.10 -4.60
N THR B 52 10.75 7.63 -4.70
CA THR B 52 10.28 7.03 -5.97
C THR B 52 9.48 8.02 -6.80
N ARG B 53 9.54 9.29 -6.42
CA ARG B 53 8.85 10.39 -7.13
C ARG B 53 7.33 10.23 -7.10
N ASN B 54 6.83 9.58 -6.06
CA ASN B 54 5.39 9.49 -5.84
C ASN B 54 4.99 10.63 -4.92
N PHE B 55 4.97 11.84 -5.47
CA PHE B 55 4.85 13.02 -4.61
C PHE B 55 3.47 13.18 -3.94
N GLN B 56 2.41 12.73 -4.61
CA GLN B 56 1.06 12.84 -4.05
C GLN B 56 0.89 11.88 -2.87
N LEU B 57 1.40 10.66 -3.05
CA LEU B 57 1.36 9.67 -1.98
C LEU B 57 2.23 10.15 -0.82
N ALA B 58 3.41 10.73 -1.12
CA ALA B 58 4.30 11.29 -0.09
C ALA B 58 3.61 12.39 0.69
N GLU B 59 3.03 13.34 -0.05
CA GLU B 59 2.28 14.44 0.55
C GLU B 59 1.27 13.96 1.59
N ALA B 60 0.49 12.93 1.26
CA ALA B 60 -0.54 12.44 2.17
C ALA B 60 0.04 11.93 3.49
N GLN B 61 1.20 11.27 3.43
CA GLN B 61 1.82 10.75 4.64
C GLN B 61 2.39 11.86 5.51
N PHE B 62 3.14 12.79 4.91
CA PHE B 62 3.69 13.90 5.70
C PHE B 62 2.57 14.76 6.28
N ARG B 63 1.49 14.97 5.54
CA ARG B 63 0.35 15.73 6.05
C ARG B 63 -0.22 15.05 7.28
N ASP B 64 -0.39 13.73 7.20
CA ASP B 64 -0.94 13.01 8.37
C ASP B 64 -0.02 13.05 9.56
N LEU B 65 1.28 12.92 9.31
CA LEU B 65 2.26 12.97 10.36
C LEU B 65 2.14 14.30 11.12
N VAL B 66 2.12 15.41 10.39
CA VAL B 66 2.16 16.72 11.04
C VAL B 66 0.84 17.02 11.74
N SER B 67 -0.26 16.59 11.12
N SER B 67 -0.26 16.55 11.15
CA SER B 67 -1.59 16.77 11.70
CA SER B 67 -1.60 16.79 11.70
C SER B 67 -1.71 16.06 13.04
C SER B 67 -1.87 16.01 12.98
N ARG B 68 -1.36 14.78 13.03
CA ARG B 68 -1.60 13.88 14.17
C ARG B 68 -0.54 13.94 15.25
N TYR B 69 0.70 14.23 14.86
CA TYR B 69 1.82 14.24 15.79
C TYR B 69 2.67 15.50 15.67
N PRO B 70 2.05 16.69 15.86
CA PRO B 70 2.76 17.95 15.59
C PRO B 70 3.98 18.21 16.47
N THR B 71 4.08 17.54 17.63
CA THR B 71 5.22 17.75 18.52
C THR B 71 6.23 16.60 18.52
N HIS B 72 6.04 15.63 17.63
CA HIS B 72 6.97 14.52 17.54
C HIS B 72 8.28 14.99 16.93
N ASP B 73 9.36 14.27 17.25
CA ASP B 73 10.69 14.54 16.72
C ASP B 73 10.68 14.67 15.18
N LYS B 74 9.90 13.82 14.52
CA LYS B 74 9.85 13.78 13.06
C LYS B 74 8.97 14.85 12.43
N ALA B 75 8.22 15.61 13.23
CA ALA B 75 7.20 16.54 12.70
C ALA B 75 7.81 17.67 11.88
N ALA B 76 8.86 18.30 12.40
CA ALA B 76 9.50 19.42 11.67
C ALA B 76 10.00 18.96 10.31
N GLY B 77 10.77 17.88 10.30
CA GLY B 77 11.26 17.28 9.05
C GLY B 77 10.12 16.83 8.15
N GLY B 78 9.03 16.33 8.76
CA GLY B 78 7.83 15.95 8.02
C GLY B 78 7.21 17.11 7.27
N LEU B 79 7.14 18.26 7.93
CA LEU B 79 6.60 19.48 7.32
C LEU B 79 7.51 20.01 6.19
N LEU B 80 8.81 19.99 6.41
CA LEU B 80 9.76 20.32 5.35
C LEU B 80 9.53 19.40 4.13
N LYS B 81 9.43 18.09 4.37
CA LYS B 81 9.27 17.16 3.27
C LYS B 81 7.90 17.22 2.64
N LEU B 82 6.89 17.64 3.40
CA LEU B 82 5.60 17.95 2.83
C LEU B 82 5.77 19.03 1.76
N GLY B 83 6.39 20.14 2.15
CA GLY B 83 6.67 21.24 1.21
C GLY B 83 7.45 20.77 -0.01
N LEU B 84 8.48 19.97 0.19
CA LEU B 84 9.26 19.49 -0.94
C LEU B 84 8.46 18.56 -1.85
N SER B 85 7.58 17.75 -1.25
CA SER B 85 6.70 16.88 -2.04
C SER B 85 5.74 17.73 -2.89
N GLN B 86 5.21 18.80 -2.32
CA GLN B 86 4.36 19.73 -3.05
C GLN B 86 5.12 20.39 -4.21
N TYR B 87 6.38 20.75 -3.98
CA TYR B 87 7.22 21.26 -5.06
C TYR B 87 7.38 20.19 -6.15
N GLY B 88 7.51 18.94 -5.72
CA GLY B 88 7.58 17.81 -6.67
C GLY B 88 6.31 17.68 -7.51
N GLU B 89 5.16 17.98 -6.87
CA GLU B 89 3.83 17.94 -7.53
C GLU B 89 3.74 19.06 -8.57
N GLY B 90 4.71 19.97 -8.57
CA GLY B 90 4.65 21.17 -9.40
C GLY B 90 3.81 22.29 -8.79
N LYS B 91 3.39 22.11 -7.54
CA LYS B 91 2.57 23.09 -6.85
C LYS B 91 3.43 24.07 -6.07
N ASN B 92 4.04 25.01 -6.80
CA ASN B 92 5.00 25.96 -6.23
C ASN B 92 4.42 26.84 -5.11
N THR B 93 3.22 27.33 -5.33
CA THR B 93 2.56 28.20 -4.35
C THR B 93 2.30 27.46 -3.05
N GLU B 94 1.74 26.25 -3.15
CA GLU B 94 1.47 25.38 -2.01
C GLU B 94 2.79 25.10 -1.30
N ALA B 95 3.82 24.76 -2.08
CA ALA B 95 5.13 24.41 -1.49
C ALA B 95 5.75 25.58 -0.72
N GLN B 96 5.68 26.77 -1.30
CA GLN B 96 6.25 27.94 -0.62
C GLN B 96 5.57 28.24 0.72
N GLN B 97 4.24 28.12 0.73
CA GLN B 97 3.46 28.32 1.93
C GLN B 97 3.87 27.30 3.01
N THR B 98 4.03 26.05 2.61
CA THR B 98 4.39 25.00 3.56
C THR B 98 5.81 25.19 4.13
N LEU B 99 6.76 25.54 3.25
CA LEU B 99 8.14 25.78 3.68
C LEU B 99 8.20 26.93 4.67
N GLN B 100 7.44 27.99 4.38
CA GLN B 100 7.36 29.11 5.32
C GLN B 100 6.81 28.64 6.66
N GLN B 101 5.81 27.76 6.62
CA GLN B 101 5.22 27.20 7.84
C GLN B 101 6.25 26.46 8.72
N VAL B 102 7.27 25.85 8.12
CA VAL B 102 8.32 25.18 8.88
C VAL B 102 9.07 26.18 9.77
N ALA B 103 9.42 27.31 9.16
CA ALA B 103 10.12 28.38 9.88
C ALA B 103 9.27 28.94 11.01
N THR B 104 7.97 29.08 10.75
CA THR B 104 7.04 29.70 11.70
C THR B 104 6.63 28.77 12.84
N GLN B 105 6.39 27.49 12.52
CA GLN B 105 5.93 26.51 13.51
C GLN B 105 7.05 25.77 14.23
N TYR B 106 8.21 25.64 13.59
CA TYR B 106 9.35 24.92 14.16
C TYR B 106 10.63 25.76 14.09
N PRO B 107 10.58 26.99 14.65
CA PRO B 107 11.74 27.86 14.60
C PRO B 107 12.95 27.25 15.30
N GLY B 108 14.13 27.42 14.72
CA GLY B 108 15.35 26.90 15.31
C GLY B 108 15.70 25.45 15.00
N SER B 109 14.76 24.72 14.40
CA SER B 109 14.97 23.33 14.03
C SER B 109 15.91 23.23 12.82
N ASP B 110 16.58 22.09 12.71
CA ASP B 110 17.33 21.82 11.52
C ASP B 110 16.42 21.89 10.30
N ALA B 111 15.18 21.40 10.46
CA ALA B 111 14.22 21.38 9.34
C ALA B 111 13.94 22.80 8.85
N ALA B 112 13.82 23.74 9.78
CA ALA B 112 13.57 25.14 9.43
C ALA B 112 14.73 25.75 8.67
N ARG B 113 15.95 25.38 9.06
CA ARG B 113 17.17 25.84 8.40
C ARG B 113 17.17 25.39 6.93
N VAL B 114 16.87 24.11 6.70
CA VAL B 114 16.82 23.57 5.35
C VAL B 114 15.65 24.17 4.57
N ALA B 115 14.48 24.27 5.23
CA ALA B 115 13.28 24.81 4.61
C ALA B 115 13.54 26.21 4.06
N GLN B 116 14.26 27.03 4.82
CA GLN B 116 14.54 28.38 4.34
C GLN B 116 15.47 28.43 3.15
N GLU B 117 16.50 27.58 3.14
CA GLU B 117 17.39 27.46 1.98
C GLU B 117 16.58 27.07 0.75
N ARG B 118 15.70 26.08 0.88
CA ARG B 118 14.92 25.64 -0.27
C ARG B 118 13.87 26.67 -0.66
N LEU B 119 13.26 27.35 0.30
CA LEU B 119 12.22 28.33 0.00
C LEU B 119 12.78 29.47 -0.85
N GLN B 120 13.97 29.95 -0.47
CA GLN B 120 14.57 31.07 -1.19
C GLN B 120 14.95 30.67 -2.62
N SER B 121 15.39 29.43 -2.80
CA SER B 121 15.70 28.88 -4.12
C SER B 121 14.47 28.90 -5.01
N ILE B 122 13.35 28.42 -4.47
CA ILE B 122 12.10 28.40 -5.21
C ILE B 122 11.64 29.82 -5.54
N ARG B 123 11.67 30.70 -4.53
CA ARG B 123 11.21 32.09 -4.70
C ARG B 123 11.99 32.82 -5.79
N LEU B 124 13.30 32.57 -5.86
CA LEU B 124 14.17 33.26 -6.81
CA LEU B 124 14.17 33.25 -6.83
C LEU B 124 14.26 32.52 -8.16
N GLY B 125 13.52 31.42 -8.28
CA GLY B 125 13.50 30.65 -9.52
C GLY B 125 12.34 31.06 -10.41
N THR C 4 0.47 -21.64 23.72
CA THR C 4 0.63 -22.41 22.45
C THR C 4 0.50 -21.43 21.26
N ALA C 5 1.09 -20.25 21.41
CA ALA C 5 1.01 -19.19 20.39
C ALA C 5 1.54 -19.65 19.03
N TYR C 6 2.69 -20.32 19.03
CA TYR C 6 3.22 -20.88 17.80
C TYR C 6 2.23 -21.85 17.13
N ASN C 7 1.65 -22.78 17.90
CA ASN C 7 0.74 -23.78 17.35
C ASN C 7 -0.57 -23.20 16.81
N VAL C 8 -1.06 -22.13 17.44
CA VAL C 8 -2.26 -21.45 16.95
C VAL C 8 -1.97 -20.85 15.57
N ALA C 9 -0.81 -20.23 15.44
CA ALA C 9 -0.40 -19.61 14.18
C ALA C 9 -0.22 -20.70 13.12
N PHE C 10 0.46 -21.78 13.51
CA PHE C 10 0.76 -22.85 12.57
C PHE C 10 -0.52 -23.55 12.10
N ASP C 11 -1.49 -23.66 12.98
CA ASP C 11 -2.77 -24.28 12.62
CA ASP C 11 -2.76 -24.29 12.62
C ASP C 11 -3.51 -23.46 11.56
N ALA C 12 -3.46 -22.13 11.69
CA ALA C 12 -4.10 -21.26 10.70
C ALA C 12 -3.43 -21.46 9.34
N LEU C 13 -2.11 -21.53 9.35
CA LEU C 13 -1.33 -21.77 8.12
C LEU C 13 -1.68 -23.10 7.49
N LYS C 14 -1.69 -24.17 8.29
CA LYS C 14 -2.02 -25.52 7.81
C LYS C 14 -3.43 -25.57 7.17
N ASN C 15 -4.34 -24.75 7.70
CA ASN C 15 -5.70 -24.65 7.21
C ASN C 15 -5.92 -23.65 6.07
N GLY C 16 -4.82 -23.07 5.57
CA GLY C 16 -4.86 -22.15 4.44
C GLY C 16 -5.44 -20.79 4.75
N LYS C 17 -5.48 -20.44 6.03
CA LYS C 17 -6.00 -19.14 6.43
C LYS C 17 -4.81 -18.21 6.58
N TYR C 18 -4.30 -17.73 5.44
CA TYR C 18 -3.01 -17.06 5.42
C TYR C 18 -3.01 -15.69 6.06
N ASP C 19 -4.10 -14.96 5.91
CA ASP C 19 -4.20 -13.66 6.55
C ASP C 19 -4.20 -13.84 8.06
N ASP C 20 -5.03 -14.78 8.56
CA ASP C 20 -5.01 -15.12 9.98
C ASP C 20 -3.61 -15.57 10.43
N ALA C 21 -2.98 -16.45 9.66
CA ALA C 21 -1.65 -16.97 10.00
C ALA C 21 -0.60 -15.85 10.07
N SER C 22 -0.66 -14.88 9.15
CA SER C 22 0.30 -13.79 9.22
C SER C 22 0.18 -12.99 10.52
N GLN C 23 -1.06 -12.71 10.92
CA GLN C 23 -1.29 -11.93 12.14
C GLN C 23 -0.85 -12.70 13.36
N LEU C 24 -1.16 -13.99 13.36
CA LEU C 24 -0.80 -14.85 14.48
C LEU C 24 0.71 -15.09 14.60
N PHE C 25 1.41 -15.18 13.47
CA PHE C 25 2.87 -15.26 13.53
C PHE C 25 3.50 -13.93 13.95
N LEU C 26 2.89 -12.82 13.53
CA LEU C 26 3.36 -11.52 14.02
C LEU C 26 3.19 -11.40 15.54
N SER C 27 2.06 -11.86 16.04
N SER C 27 2.06 -11.88 16.07
CA SER C 27 1.83 -11.88 17.48
CA SER C 27 1.86 -11.83 17.52
C SER C 27 2.91 -12.70 18.18
C SER C 27 2.81 -12.77 18.28
N PHE C 28 3.16 -13.89 17.65
CA PHE C 28 4.16 -14.78 18.21
C PHE C 28 5.53 -14.09 18.26
N LEU C 29 5.86 -13.40 17.18
CA LEU C 29 7.17 -12.74 17.09
C LEU C 29 7.26 -11.60 18.12
N GLU C 30 6.14 -10.93 18.43
CA GLU C 30 6.13 -9.89 19.47
C GLU C 30 6.38 -10.51 20.83
N LEU C 31 5.89 -11.73 21.03
CA LEU C 31 6.08 -12.42 22.31
C LEU C 31 7.48 -13.03 22.43
N TYR C 32 8.02 -13.49 21.31
CA TYR C 32 9.35 -14.09 21.29
C TYR C 32 10.20 -13.39 20.24
N PRO C 33 10.75 -12.21 20.56
CA PRO C 33 11.50 -11.48 19.54
C PRO C 33 12.84 -12.10 19.11
N ASN C 34 13.46 -12.89 19.98
CA ASN C 34 14.75 -13.55 19.65
C ASN C 34 14.80 -14.89 20.37
N GLY C 35 13.72 -15.68 20.24
CA GLY C 35 13.59 -16.94 20.98
C GLY C 35 13.83 -18.15 20.12
N VAL C 36 13.62 -19.34 20.68
CA VAL C 36 13.93 -20.59 20.00
C VAL C 36 13.23 -20.75 18.64
N TYR C 37 11.94 -20.41 18.59
CA TYR C 37 11.14 -20.66 17.40
C TYR C 37 10.97 -19.38 16.58
N THR C 38 11.69 -18.33 16.95
CA THR C 38 11.75 -17.09 16.14
C THR C 38 12.12 -17.35 14.66
N PRO C 39 13.19 -18.11 14.38
CA PRO C 39 13.49 -18.40 12.96
C PRO C 39 12.33 -19.12 12.24
N ASN C 40 11.73 -20.11 12.90
N ASN C 40 11.71 -20.11 12.88
CA ASN C 40 10.54 -20.78 12.35
CA ASN C 40 10.56 -20.78 12.27
C ASN C 40 9.44 -19.80 11.98
C ASN C 40 9.40 -19.82 11.99
N ALA C 41 9.14 -18.90 12.93
CA ALA C 41 8.03 -17.96 12.78
C ALA C 41 8.31 -16.95 11.67
N LEU C 42 9.56 -16.53 11.53
CA LEU C 42 9.91 -15.65 10.41
C LEU C 42 9.67 -16.40 9.10
N TYR C 43 10.07 -17.67 9.07
CA TYR C 43 9.89 -18.45 7.87
C TYR C 43 8.40 -18.59 7.50
N TRP C 44 7.56 -18.98 8.46
CA TRP C 44 6.13 -19.19 8.19
C TRP C 44 5.40 -17.88 7.93
N LEU C 45 5.83 -16.81 8.58
N LEU C 45 5.82 -16.79 8.57
CA LEU C 45 5.29 -15.49 8.30
CA LEU C 45 5.26 -15.47 8.26
C LEU C 45 5.58 -15.16 6.82
C LEU C 45 5.58 -15.11 6.81
N GLY C 46 6.82 -15.37 6.40
CA GLY C 46 7.21 -15.16 4.98
C GLY C 46 6.35 -16.02 4.06
N GLU C 47 6.16 -17.30 4.40
CA GLU C 47 5.31 -18.18 3.58
C GLU C 47 3.86 -17.69 3.53
N SER C 48 3.36 -17.20 4.67
CA SER C 48 1.98 -16.70 4.75
CA SER C 48 1.96 -16.73 4.70
C SER C 48 1.76 -15.53 3.78
N TYR C 49 2.74 -14.64 3.71
CA TYR C 49 2.68 -13.49 2.80
C TYR C 49 2.89 -13.91 1.35
N TYR C 50 3.81 -14.84 1.15
CA TYR C 50 4.07 -15.35 -0.19
C TYR C 50 2.79 -15.95 -0.79
N ALA C 51 2.07 -16.72 0.03
CA ALA C 51 0.84 -17.39 -0.39
C ALA C 51 -0.25 -16.43 -0.88
N THR C 52 -0.25 -15.21 -0.36
CA THR C 52 -1.25 -14.19 -0.73
C THR C 52 -0.71 -13.16 -1.71
N ARG C 53 0.46 -13.47 -2.28
CA ARG C 53 1.13 -12.68 -3.33
C ARG C 53 1.61 -11.34 -2.76
N ASN C 54 1.79 -11.27 -1.44
CA ASN C 54 2.42 -10.12 -0.83
C ASN C 54 3.94 -10.30 -0.85
N PHE C 55 4.49 -10.22 -2.05
CA PHE C 55 5.88 -10.64 -2.26
C PHE C 55 6.92 -9.77 -1.54
N GLN C 56 6.73 -8.44 -1.52
CA GLN C 56 7.68 -7.59 -0.84
C GLN C 56 7.64 -7.83 0.66
N LEU C 57 6.46 -8.06 1.21
CA LEU C 57 6.37 -8.40 2.64
C LEU C 57 7.02 -9.76 2.93
N ALA C 58 6.77 -10.74 2.07
CA ALA C 58 7.37 -12.08 2.25
C ALA C 58 8.90 -12.00 2.21
N GLU C 59 9.44 -11.34 1.18
CA GLU C 59 10.86 -11.10 1.02
C GLU C 59 11.52 -10.61 2.32
N ALA C 60 10.91 -9.60 2.95
CA ALA C 60 11.50 -9.02 4.15
C ALA C 60 11.65 -10.03 5.30
N GLN C 61 10.67 -10.92 5.43
CA GLN C 61 10.72 -11.92 6.52
C GLN C 61 11.80 -12.94 6.21
N PHE C 62 11.83 -13.44 4.96
CA PHE C 62 12.89 -14.39 4.59
C PHE C 62 14.28 -13.77 4.73
N ARG C 63 14.40 -12.49 4.34
CA ARG C 63 15.65 -11.75 4.51
C ARG C 63 16.09 -11.64 5.97
N ASP C 64 15.15 -11.35 6.87
CA ASP C 64 15.48 -11.19 8.26
C ASP C 64 15.91 -12.55 8.83
N LEU C 65 15.24 -13.61 8.40
CA LEU C 65 15.61 -14.98 8.78
C LEU C 65 17.05 -15.29 8.40
N VAL C 66 17.40 -15.04 7.13
CA VAL C 66 18.74 -15.42 6.64
C VAL C 66 19.83 -14.56 7.28
N SER C 67 19.54 -13.27 7.48
N SER C 67 19.53 -13.28 7.50
CA SER C 67 20.47 -12.35 8.12
CA SER C 67 20.45 -12.35 8.13
C SER C 67 20.78 -12.78 9.56
C SER C 67 20.78 -12.74 9.57
N ARG C 68 19.74 -13.12 10.31
CA ARG C 68 19.86 -13.32 11.75
C ARG C 68 20.23 -14.74 12.12
N TYR C 69 19.75 -15.68 11.30
CA TYR C 69 19.93 -17.11 11.59
C TYR C 69 20.45 -17.88 10.39
N PRO C 70 21.65 -17.52 9.88
CA PRO C 70 22.11 -18.09 8.61
C PRO C 70 22.42 -19.59 8.65
N THR C 71 22.64 -20.16 9.83
CA THR C 71 22.85 -21.61 9.92
C THR C 71 21.64 -22.40 10.38
N HIS C 72 20.50 -21.75 10.61
CA HIS C 72 19.29 -22.45 10.99
C HIS C 72 18.79 -23.38 9.87
N ASP C 73 18.12 -24.46 10.28
CA ASP C 73 17.51 -25.40 9.34
C ASP C 73 16.66 -24.69 8.25
N LYS C 74 15.97 -23.61 8.63
CA LYS C 74 15.08 -22.93 7.72
C LYS C 74 15.79 -21.93 6.80
N ALA C 75 17.06 -21.66 7.05
CA ALA C 75 17.77 -20.57 6.32
C ALA C 75 17.88 -20.80 4.82
N ALA C 76 18.32 -21.99 4.42
CA ALA C 76 18.50 -22.27 3.00
C ALA C 76 17.20 -22.06 2.22
N GLY C 77 16.13 -22.66 2.75
CA GLY C 77 14.79 -22.55 2.19
C GLY C 77 14.32 -21.10 2.22
N GLY C 78 14.73 -20.38 3.25
CA GLY C 78 14.36 -18.97 3.38
C GLY C 78 15.00 -18.16 2.27
N LEU C 79 16.27 -18.41 1.99
CA LEU C 79 16.95 -17.68 0.93
C LEU C 79 16.35 -18.00 -0.44
N LEU C 80 16.05 -19.27 -0.69
CA LEU C 80 15.29 -19.66 -1.88
C LEU C 80 14.01 -18.85 -2.01
N LYS C 81 13.24 -18.77 -0.93
CA LYS C 81 11.93 -18.10 -0.96
C LYS C 81 12.07 -16.58 -1.05
N LEU C 82 13.15 -16.05 -0.50
CA LEU C 82 13.52 -14.65 -0.76
C LEU C 82 13.63 -14.42 -2.27
N GLY C 83 14.43 -15.25 -2.95
CA GLY C 83 14.58 -15.09 -4.41
C GLY C 83 13.27 -15.26 -5.15
N LEU C 84 12.47 -16.25 -4.75
CA LEU C 84 11.18 -16.49 -5.40
C LEU C 84 10.22 -15.31 -5.15
N SER C 85 10.36 -14.67 -3.99
CA SER C 85 9.54 -13.50 -3.70
C SER C 85 9.92 -12.37 -4.63
N GLN C 86 11.21 -12.18 -4.84
CA GLN C 86 11.68 -11.16 -5.77
C GLN C 86 11.19 -11.45 -7.16
N TYR C 87 11.23 -12.72 -7.56
CA TYR C 87 10.69 -13.09 -8.86
C TYR C 87 9.19 -12.76 -8.96
N GLY C 88 8.43 -13.03 -7.89
CA GLY C 88 7.01 -12.72 -7.84
C GLY C 88 6.72 -11.24 -8.05
N GLU C 89 7.64 -10.42 -7.54
CA GLU C 89 7.59 -8.96 -7.71
C GLU C 89 7.82 -8.47 -9.14
N GLY C 90 8.43 -9.33 -9.96
CA GLY C 90 8.94 -8.94 -11.29
C GLY C 90 10.39 -8.45 -11.24
N LYS C 91 11.06 -8.60 -10.09
CA LYS C 91 12.47 -8.18 -9.92
C LYS C 91 13.38 -9.32 -10.38
N ASN C 92 13.43 -9.49 -11.70
CA ASN C 92 14.06 -10.62 -12.33
C ASN C 92 15.58 -10.71 -12.06
N THR C 93 16.27 -9.58 -12.18
CA THR C 93 17.71 -9.51 -11.92
C THR C 93 18.03 -9.84 -10.47
N GLU C 94 17.28 -9.23 -9.55
CA GLU C 94 17.47 -9.51 -8.11
C GLU C 94 17.27 -10.99 -7.81
N ALA C 95 16.21 -11.56 -8.37
CA ALA C 95 15.84 -12.95 -8.13
C ALA C 95 16.94 -13.87 -8.59
N GLN C 96 17.49 -13.61 -9.77
CA GLN C 96 18.56 -14.45 -10.28
C GLN C 96 19.79 -14.42 -9.39
N GLN C 97 20.14 -13.22 -8.92
CA GLN C 97 21.25 -13.02 -7.98
C GLN C 97 21.03 -13.80 -6.69
N THR C 98 19.82 -13.70 -6.14
CA THR C 98 19.51 -14.41 -4.89
C THR C 98 19.53 -15.92 -5.05
N LEU C 99 18.97 -16.42 -6.16
CA LEU C 99 18.93 -17.88 -6.38
C LEU C 99 20.35 -18.42 -6.55
N GLN C 100 21.21 -17.65 -7.21
CA GLN C 100 22.63 -18.03 -7.30
C GLN C 100 23.27 -18.09 -5.91
N GLN C 101 22.92 -17.14 -5.04
CA GLN C 101 23.43 -17.14 -3.67
C GLN C 101 23.04 -18.42 -2.91
N VAL C 102 21.86 -18.98 -3.20
CA VAL C 102 21.47 -20.23 -2.54
C VAL C 102 22.48 -21.33 -2.87
N ALA C 103 22.82 -21.41 -4.16
CA ALA C 103 23.75 -22.43 -4.66
C ALA C 103 25.12 -22.28 -4.02
N THR C 104 25.55 -21.04 -3.80
CA THR C 104 26.86 -20.72 -3.27
C THR C 104 26.93 -20.88 -1.75
N GLN C 105 25.90 -20.39 -1.06
CA GLN C 105 25.90 -20.35 0.41
C GLN C 105 25.40 -21.64 1.05
N TYR C 106 24.54 -22.37 0.33
CA TYR C 106 23.98 -23.60 0.87
C TYR C 106 24.14 -24.77 -0.12
N PRO C 107 25.38 -25.01 -0.59
CA PRO C 107 25.56 -26.04 -1.61
C PRO C 107 25.12 -27.40 -1.09
N GLY C 108 24.51 -28.20 -1.96
CA GLY C 108 24.05 -29.52 -1.58
C GLY C 108 22.75 -29.58 -0.79
N SER C 109 22.17 -28.42 -0.47
CA SER C 109 20.88 -28.39 0.20
C SER C 109 19.75 -28.67 -0.77
N ASP C 110 18.62 -29.08 -0.23
CA ASP C 110 17.41 -29.24 -1.01
C ASP C 110 17.02 -27.89 -1.62
N ALA C 111 17.23 -26.83 -0.85
CA ALA C 111 16.89 -25.48 -1.34
C ALA C 111 17.74 -25.09 -2.55
N ALA C 112 19.00 -25.51 -2.56
CA ALA C 112 19.88 -25.18 -3.68
C ALA C 112 19.51 -25.95 -4.95
N ARG C 113 19.02 -27.18 -4.80
CA ARG C 113 18.52 -27.97 -5.93
C ARG C 113 17.32 -27.25 -6.58
N VAL C 114 16.37 -26.81 -5.76
CA VAL C 114 15.19 -26.14 -6.27
C VAL C 114 15.61 -24.79 -6.85
N ALA C 115 16.51 -24.10 -6.17
CA ALA C 115 17.00 -22.78 -6.64
C ALA C 115 17.59 -22.89 -8.04
N GLN C 116 18.35 -23.96 -8.30
CA GLN C 116 18.98 -24.09 -9.61
C GLN C 116 17.96 -24.30 -10.72
N GLU C 117 16.92 -25.09 -10.45
CA GLU C 117 15.83 -25.36 -11.40
C GLU C 117 15.14 -24.03 -11.73
N ARG C 118 14.78 -23.27 -10.70
CA ARG C 118 14.07 -22.01 -10.92
C ARG C 118 14.96 -20.97 -11.60
N LEU C 119 16.22 -20.92 -11.21
CA LEU C 119 17.20 -20.01 -11.79
C LEU C 119 17.34 -20.27 -13.29
N GLN C 120 17.45 -21.53 -13.68
CA GLN C 120 17.56 -21.81 -15.13
C GLN C 120 16.30 -21.45 -15.91
N SER C 121 15.13 -21.65 -15.30
CA SER C 121 13.83 -21.28 -15.90
C SER C 121 13.79 -19.78 -16.17
N ILE C 122 14.24 -19.01 -15.19
CA ILE C 122 14.19 -17.55 -15.28
C ILE C 122 15.17 -17.08 -16.34
N ARG C 123 16.40 -17.60 -16.27
CA ARG C 123 17.45 -17.26 -17.22
C ARG C 123 17.02 -17.50 -18.67
N LEU C 124 16.39 -18.66 -18.91
CA LEU C 124 15.96 -19.04 -20.27
C LEU C 124 14.56 -18.53 -20.62
N GLY C 125 13.97 -17.74 -19.72
CA GLY C 125 12.66 -17.14 -19.98
C GLY C 125 12.84 -15.75 -20.53
ZN ZN D . -17.98 2.33 -21.89
ZN ZN E . 2.17 9.85 -6.19
ZN ZN F . -1.63 16.83 -3.96
ZN ZN G . -0.24 19.26 -2.90
CL CL H . 13.55 -6.75 -4.52
ZN ZN I . 11.70 -6.87 -3.28
ZN ZN J . -9.88 -15.06 10.13
#